data_5IUI
#
_entry.id   5IUI
#
_cell.length_a   51.851
_cell.length_b   57.432
_cell.length_c   105.017
_cell.angle_alpha   90.000
_cell.angle_beta   90.000
_cell.angle_gamma   90.000
#
_symmetry.space_group_name_H-M   'P 21 21 21'
#
loop_
_entity.id
_entity.type
_entity.pdbx_description
1 polymer 'ALK tyrosine kinase receptor'
2 non-polymer N-[3-(4-amino-3-methylphenyl)-1H-pyrazol-5-yl]-4-[(4-methylpiperazin-1-yl)methyl]benzamide
3 water water
#
_entity_poly.entity_id   1
_entity_poly.type   'polypeptide(L)'
_entity_poly.pdbx_seq_one_letter_code
;RTSTIMTDYNPNYSFAGKTSSISDLKEVPRKNITLIRGLGHGAFGEVYEGQVSGMPNDPSPLQVAVKTLPEVCSEQDELD
FLMEALIISKFNHQNIVRCIGVSLQSLPRFILLELMAGGDLKSFLRETRPRPSQPSSLAMLDLLHVARDIACGCQYLEEN
HFIHRDIAARNCLLTCPGPGRVAKIGDFGMARDIYRASYYRKGGCAMLPVKWMPPEAFMEGIFTSKTDTWSFGVLLWEIF
SLGYMPYPSKSNQEVLEFVTSGGRMDPPKNCPGPVYRIMTQCWQHQPEDRPNFAIILERIEYCTQDPDVINTALPIEYGP
LVEEEEK
;
_entity_poly.pdbx_strand_id   A
#
loop_
_chem_comp.id
_chem_comp.type
_chem_comp.name
_chem_comp.formula
45Q non-polymer N-[3-(4-amino-3-methylphenyl)-1H-pyrazol-5-yl]-4-[(4-methylpiperazin-1-yl)methyl]benzamide 'C23 H28 N6 O'
#
# COMPACT_ATOMS: atom_id res chain seq x y z
N MET A 6 18.71 19.62 -3.70
CA MET A 6 17.33 19.54 -4.16
C MET A 6 17.02 20.67 -5.13
N THR A 7 17.69 21.80 -4.93
CA THR A 7 17.52 22.96 -5.81
C THR A 7 18.56 22.91 -6.92
N ASP A 8 19.66 22.21 -6.66
CA ASP A 8 20.73 22.06 -7.65
C ASP A 8 20.31 21.20 -8.83
N TYR A 9 19.49 20.17 -8.57
CA TYR A 9 19.02 19.28 -9.64
C TYR A 9 17.55 19.56 -9.96
N ASN A 10 16.79 19.98 -8.94
CA ASN A 10 15.40 20.39 -9.09
C ASN A 10 14.57 19.56 -10.06
N PRO A 11 14.37 18.27 -9.75
CA PRO A 11 13.62 17.36 -10.63
C PRO A 11 12.17 17.79 -10.85
N ASN A 12 11.67 17.51 -12.06
CA ASN A 12 10.26 17.67 -12.37
C ASN A 12 9.57 16.31 -12.33
N TYR A 13 8.29 16.32 -11.95
CA TYR A 13 7.51 15.09 -11.87
C TYR A 13 6.22 15.25 -12.63
N SER A 14 5.87 14.22 -13.41
CA SER A 14 4.67 14.28 -14.22
C SER A 14 3.71 13.15 -13.88
N PHE A 15 2.45 13.53 -13.71
CA PHE A 15 1.36 12.59 -13.43
C PHE A 15 0.10 13.15 -14.07
N ALA A 16 -0.60 12.29 -14.80
CA ALA A 16 -1.87 12.70 -15.41
C ALA A 16 -1.69 13.91 -16.31
N GLY A 17 -0.56 13.96 -17.02
CA GLY A 17 -0.31 15.00 -18.00
C GLY A 17 0.19 16.33 -17.45
N LYS A 18 0.24 16.46 -16.13
CA LYS A 18 0.68 17.69 -15.50
C LYS A 18 2.08 17.52 -14.91
N THR A 19 2.90 18.56 -15.04
CA THR A 19 4.27 18.53 -14.54
C THR A 19 4.40 19.44 -13.32
N SER A 20 5.03 18.91 -12.27
CA SER A 20 5.23 19.64 -11.03
C SER A 20 6.69 19.61 -10.62
N SER A 21 7.06 20.52 -9.71
CA SER A 21 8.39 20.52 -9.13
C SER A 21 8.30 20.81 -7.64
N ILE A 22 9.44 20.76 -6.96
CA ILE A 22 9.52 21.05 -5.53
C ILE A 22 8.78 22.33 -5.18
N SER A 23 8.94 23.35 -6.02
CA SER A 23 8.35 24.66 -5.77
C SER A 23 6.83 24.60 -5.71
N ASP A 24 6.24 23.52 -6.21
CA ASP A 24 4.79 23.33 -6.18
C ASP A 24 4.28 22.68 -4.89
N LEU A 25 5.18 22.12 -4.09
CA LEU A 25 4.77 21.53 -2.82
C LEU A 25 4.38 22.64 -1.86
N LYS A 26 3.43 22.35 -0.97
CA LYS A 26 2.96 23.36 -0.03
C LYS A 26 3.85 23.35 1.22
N GLU A 27 4.68 24.38 1.34
CA GLU A 27 5.62 24.48 2.45
C GLU A 27 4.91 24.97 3.70
N VAL A 28 4.97 24.17 4.76
CA VAL A 28 4.39 24.54 6.05
C VAL A 28 5.50 25.08 6.94
N PRO A 29 5.33 26.29 7.50
CA PRO A 29 6.39 26.82 8.36
C PRO A 29 6.73 25.88 9.53
N ARG A 30 8.03 25.67 9.77
CA ARG A 30 8.48 24.70 10.76
C ARG A 30 7.93 25.02 12.15
N LYS A 31 7.68 26.31 12.41
CA LYS A 31 7.22 26.71 13.74
C LYS A 31 5.79 26.26 14.02
N ASN A 32 5.05 25.98 12.94
CA ASN A 32 3.67 25.52 13.05
C ASN A 32 3.58 24.01 13.28
N ILE A 33 4.73 23.34 13.30
CA ILE A 33 4.77 21.87 13.40
C ILE A 33 5.34 21.43 14.74
N THR A 34 4.61 20.58 15.43
CA THR A 34 5.07 19.99 16.68
C THR A 34 5.01 18.47 16.62
N LEU A 35 6.14 17.83 16.94
CA LEU A 35 6.19 16.38 17.04
C LEU A 35 5.69 15.93 18.41
N ILE A 36 4.87 14.89 18.40
CA ILE A 36 4.21 14.41 19.62
C ILE A 36 4.82 13.11 20.11
N ARG A 37 5.05 12.18 19.18
CA ARG A 37 5.58 10.88 19.53
C ARG A 37 6.05 10.12 18.30
N GLY A 38 7.01 9.24 18.49
CA GLY A 38 7.38 8.28 17.46
C GLY A 38 6.18 7.41 17.14
N LEU A 39 6.10 6.96 15.90
CA LEU A 39 5.00 6.12 15.45
C LEU A 39 5.50 4.82 14.84
N GLY A 40 4.90 3.71 15.23
CA GLY A 40 5.14 2.43 14.61
C GLY A 40 6.57 1.93 14.71
N HIS A 41 6.80 0.73 14.19
CA HIS A 41 8.10 0.08 14.29
C HIS A 41 9.03 0.44 13.13
N GLY A 42 8.79 1.60 12.51
CA GLY A 42 9.69 2.10 11.48
C GLY A 42 9.50 1.50 10.10
N ALA A 43 8.34 0.87 9.88
CA ALA A 43 7.99 0.35 8.56
C ALA A 43 8.17 1.41 7.47
N PHE A 44 7.46 2.52 7.63
CA PHE A 44 7.46 3.57 6.62
C PHE A 44 8.63 4.54 6.79
N GLY A 45 9.54 4.20 7.69
CA GLY A 45 10.73 5.00 7.95
C GLY A 45 10.63 5.66 9.31
N GLU A 46 11.33 6.78 9.47
CA GLU A 46 11.25 7.54 10.71
C GLU A 46 9.99 8.39 10.69
N VAL A 47 8.94 7.90 11.35
CA VAL A 47 7.63 8.55 11.30
C VAL A 47 7.17 8.93 12.69
N TYR A 48 6.63 10.15 12.80
CA TYR A 48 6.11 10.68 14.06
C TYR A 48 4.66 11.10 13.92
N GLU A 49 3.92 11.01 15.01
CA GLU A 49 2.66 11.71 15.10
C GLU A 49 2.99 13.17 15.34
N GLY A 50 2.32 14.07 14.62
CA GLY A 50 2.57 15.50 14.77
C GLY A 50 1.30 16.32 14.81
N GLN A 51 1.48 17.60 15.08
CA GLN A 51 0.39 18.57 15.07
C GLN A 51 0.77 19.77 14.21
N VAL A 52 -0.18 20.24 13.40
CA VAL A 52 0.00 21.46 12.62
C VAL A 52 -1.07 22.47 13.03
N SER A 53 -0.63 23.68 13.36
CA SER A 53 -1.54 24.72 13.84
C SER A 53 -1.39 26.03 13.07
N GLY A 54 -2.46 26.82 13.08
CA GLY A 54 -2.47 28.14 12.45
C GLY A 54 -2.42 29.23 13.50
N PRO A 59 -5.70 25.64 20.14
CA PRO A 59 -6.65 25.73 19.03
C PRO A 59 -7.26 24.36 18.72
N SER A 60 -7.53 24.10 17.44
CA SER A 60 -7.94 22.78 16.98
C SER A 60 -6.93 22.31 15.93
N PRO A 61 -5.73 21.93 16.38
CA PRO A 61 -4.65 21.66 15.41
C PRO A 61 -4.92 20.43 14.55
N LEU A 62 -4.35 20.44 13.36
CA LEU A 62 -4.47 19.32 12.45
C LEU A 62 -3.51 18.21 12.87
N GLN A 63 -4.05 17.01 13.07
CA GLN A 63 -3.22 15.85 13.42
C GLN A 63 -2.63 15.25 12.15
N VAL A 64 -1.34 14.96 12.17
CA VAL A 64 -0.64 14.44 10.99
C VAL A 64 0.38 13.36 11.35
N ALA A 65 0.79 12.60 10.34
CA ALA A 65 2.01 11.81 10.41
C ALA A 65 3.14 12.65 9.81
N VAL A 66 4.31 12.57 10.42
CA VAL A 66 5.48 13.32 9.94
C VAL A 66 6.59 12.37 9.57
N LYS A 67 6.89 12.27 8.28
CA LYS A 67 8.03 11.48 7.83
C LYS A 67 9.25 12.38 7.74
N THR A 68 10.34 11.94 8.35
CA THR A 68 11.54 12.74 8.40
C THR A 68 12.65 12.17 7.55
N LEU A 69 13.53 13.07 7.13
CA LEU A 69 14.71 12.71 6.37
C LEU A 69 15.91 12.89 7.28
N PRO A 70 16.55 11.78 7.70
CA PRO A 70 17.76 11.94 8.51
C PRO A 70 18.77 12.87 7.82
N GLU A 71 19.33 13.79 8.58
CA GLU A 71 20.29 14.74 8.05
C GLU A 71 21.53 14.03 7.55
N VAL A 72 21.77 12.83 8.08
CA VAL A 72 22.92 12.03 7.68
C VAL A 72 22.56 11.09 6.54
N CYS A 73 21.97 11.63 5.51
CA CYS A 73 21.64 10.85 4.35
C CYS A 73 22.38 11.44 3.16
N SER A 74 22.56 10.66 2.11
CA SER A 74 23.23 11.13 0.90
C SER A 74 22.37 12.14 0.17
N GLU A 75 22.95 12.78 -0.83
CA GLU A 75 22.26 13.78 -1.63
C GLU A 75 21.20 13.11 -2.51
N GLN A 76 21.37 11.82 -2.75
CA GLN A 76 20.43 11.05 -3.56
C GLN A 76 19.26 10.53 -2.71
N ASP A 77 19.51 10.34 -1.41
CA ASP A 77 18.42 10.07 -0.49
C ASP A 77 17.53 11.30 -0.40
N GLU A 78 18.17 12.47 -0.40
CA GLU A 78 17.44 13.73 -0.43
C GLU A 78 16.52 13.80 -1.64
N LEU A 79 17.06 13.45 -2.80
CA LEU A 79 16.30 13.49 -4.04
C LEU A 79 15.16 12.48 -4.01
N ASP A 80 15.41 11.29 -3.48
CA ASP A 80 14.38 10.26 -3.34
C ASP A 80 13.21 10.79 -2.50
N PHE A 81 13.58 11.50 -1.45
CA PHE A 81 12.64 12.03 -0.46
C PHE A 81 11.73 13.08 -1.12
N LEU A 82 12.35 14.01 -1.83
CA LEU A 82 11.62 15.03 -2.58
C LEU A 82 10.64 14.40 -3.57
N MET A 83 11.13 13.41 -4.32
CA MET A 83 10.32 12.79 -5.35
C MET A 83 9.13 12.06 -4.73
N GLU A 84 9.37 11.40 -3.59
CA GLU A 84 8.29 10.73 -2.85
C GLU A 84 7.20 11.74 -2.50
N ALA A 85 7.60 12.92 -2.01
CA ALA A 85 6.65 13.98 -1.68
C ALA A 85 5.87 14.45 -2.92
N LEU A 86 6.55 14.65 -4.03
CA LEU A 86 5.89 15.08 -5.27
C LEU A 86 4.85 14.06 -5.72
N ILE A 87 5.24 12.79 -5.73
CA ILE A 87 4.35 11.72 -6.18
C ILE A 87 3.07 11.70 -5.36
N ILE A 88 3.21 11.65 -4.04
CA ILE A 88 2.02 11.49 -3.21
C ILE A 88 1.17 12.78 -3.22
N SER A 89 1.80 13.94 -3.39
CA SER A 89 1.06 15.21 -3.40
CA SER A 89 1.04 15.20 -3.40
C SER A 89 0.13 15.33 -4.61
N LYS A 90 0.49 14.67 -5.71
CA LYS A 90 -0.29 14.82 -6.94
C LYS A 90 -1.44 13.83 -7.08
N PHE A 91 -1.49 12.81 -6.22
CA PHE A 91 -2.66 11.94 -6.15
C PHE A 91 -3.84 12.66 -5.51
N ASN A 92 -5.04 12.35 -5.99
CA ASN A 92 -6.28 12.90 -5.46
C ASN A 92 -7.36 11.83 -5.40
N HIS A 93 -7.31 11.01 -4.36
CA HIS A 93 -8.28 9.93 -4.20
C HIS A 93 -8.39 9.53 -2.73
N GLN A 94 -9.60 9.18 -2.33
CA GLN A 94 -9.89 8.90 -0.93
C GLN A 94 -9.20 7.63 -0.39
N ASN A 95 -8.75 6.74 -1.28
CA ASN A 95 -8.07 5.51 -0.84
C ASN A 95 -6.58 5.61 -1.09
N ILE A 96 -6.11 6.84 -1.25
CA ILE A 96 -4.69 7.12 -1.27
C ILE A 96 -4.42 8.18 -0.22
N VAL A 97 -3.51 7.86 0.70
CA VAL A 97 -3.13 8.73 1.80
C VAL A 97 -2.84 10.14 1.31
N ARG A 98 -3.42 11.14 1.96
CA ARG A 98 -3.18 12.52 1.56
C ARG A 98 -1.83 13.01 2.04
N CYS A 99 -1.24 13.93 1.29
CA CYS A 99 -0.07 14.67 1.73
C CYS A 99 -0.53 16.06 2.17
N ILE A 100 -0.31 16.38 3.44
CA ILE A 100 -0.80 17.63 4.00
C ILE A 100 0.10 18.77 3.51
N GLY A 101 1.38 18.50 3.39
CA GLY A 101 2.34 19.50 2.96
C GLY A 101 3.74 18.98 3.23
N VAL A 102 4.73 19.88 3.13
CA VAL A 102 6.10 19.55 3.44
C VAL A 102 6.72 20.65 4.30
N SER A 103 7.84 20.33 4.93
CA SER A 103 8.66 21.34 5.59
C SER A 103 10.09 21.04 5.20
N LEU A 104 10.50 21.56 4.03
CA LEU A 104 11.79 21.24 3.44
C LEU A 104 12.83 22.34 3.65
N GLN A 105 12.39 23.49 4.13
CA GLN A 105 13.28 24.64 4.25
C GLN A 105 13.92 24.70 5.63
N SER A 106 13.56 23.75 6.51
CA SER A 106 14.31 23.51 7.74
C SER A 106 14.83 22.07 7.77
N LEU A 107 15.82 21.83 8.64
CA LEU A 107 16.43 20.51 8.81
C LEU A 107 16.13 19.97 10.21
N PRO A 108 15.80 18.67 10.35
CA PRO A 108 15.63 17.69 9.27
C PRO A 108 14.36 17.97 8.46
N ARG A 109 14.38 17.60 7.19
CA ARG A 109 13.25 17.83 6.31
C ARG A 109 12.06 16.97 6.71
N PHE A 110 10.85 17.52 6.58
CA PHE A 110 9.61 16.78 6.86
C PHE A 110 8.72 16.64 5.63
N ILE A 111 8.01 15.53 5.55
CA ILE A 111 6.82 15.40 4.72
C ILE A 111 5.64 15.20 5.68
N LEU A 112 4.57 15.96 5.49
CA LEU A 112 3.39 15.86 6.36
C LEU A 112 2.29 15.05 5.70
N LEU A 113 1.85 14.00 6.38
CA LEU A 113 0.93 13.03 5.80
C LEU A 113 -0.32 12.82 6.64
N GLU A 114 -1.41 12.45 5.96
CA GLU A 114 -2.64 12.04 6.63
C GLU A 114 -2.33 11.02 7.72
N LEU A 115 -2.84 11.29 8.91
CA LEU A 115 -2.61 10.40 10.05
C LEU A 115 -3.54 9.21 9.98
N MET A 116 -2.94 8.04 9.89
CA MET A 116 -3.64 6.79 9.76
C MET A 116 -3.49 6.04 11.08
N ALA A 117 -4.44 6.26 11.98
CA ALA A 117 -4.34 5.81 13.36
C ALA A 117 -4.43 4.30 13.50
N GLY A 118 -4.89 3.64 12.43
CA GLY A 118 -4.99 2.19 12.42
C GLY A 118 -3.67 1.50 12.13
N GLY A 119 -2.66 2.27 11.72
CA GLY A 119 -1.36 1.72 11.38
C GLY A 119 -1.38 0.96 10.06
N ASP A 120 -0.30 0.25 9.77
CA ASP A 120 -0.21 -0.49 8.51
C ASP A 120 -1.11 -1.72 8.56
N LEU A 121 -1.57 -2.13 7.38
CA LEU A 121 -2.57 -3.19 7.27
C LEU A 121 -2.06 -4.55 7.73
N LYS A 122 -0.79 -4.85 7.46
CA LYS A 122 -0.25 -6.16 7.87
C LYS A 122 -0.26 -6.28 9.40
N SER A 123 0.28 -5.27 10.07
CA SER A 123 0.31 -5.27 11.53
C SER A 123 -1.09 -5.31 12.11
N PHE A 124 -2.00 -4.52 11.53
CA PHE A 124 -3.39 -4.51 11.95
C PHE A 124 -4.05 -5.88 11.90
N LEU A 125 -3.85 -6.58 10.78
CA LEU A 125 -4.44 -7.90 10.60
C LEU A 125 -3.88 -8.84 11.65
N ARG A 126 -2.57 -8.79 11.85
CA ARG A 126 -1.91 -9.66 12.82
C ARG A 126 -2.37 -9.40 14.25
N GLU A 127 -2.48 -8.12 14.61
CA GLU A 127 -2.82 -7.76 15.99
C GLU A 127 -4.31 -7.80 16.29
N THR A 128 -5.13 -7.81 15.23
CA THR A 128 -6.59 -7.81 15.40
C THR A 128 -7.19 -9.17 15.02
N ARG A 129 -6.34 -10.19 14.88
CA ARG A 129 -6.82 -11.56 14.66
C ARG A 129 -7.82 -11.99 15.71
N PRO A 130 -8.85 -12.76 15.32
CA PRO A 130 -9.73 -13.35 16.33
C PRO A 130 -8.98 -14.28 17.28
N ARG A 131 -9.25 -14.14 18.58
CA ARG A 131 -8.66 -15.00 19.60
C ARG A 131 -9.72 -15.24 20.67
N PRO A 132 -9.52 -16.26 21.53
CA PRO A 132 -10.54 -16.64 22.51
C PRO A 132 -11.04 -15.49 23.40
N SER A 133 -10.19 -14.49 23.65
CA SER A 133 -10.60 -13.33 24.45
C SER A 133 -11.38 -12.32 23.62
N GLN A 134 -10.90 -12.03 22.42
CA GLN A 134 -11.56 -11.10 21.50
C GLN A 134 -12.16 -11.86 20.31
N PRO A 135 -13.14 -12.73 20.58
CA PRO A 135 -13.61 -13.74 19.62
C PRO A 135 -14.01 -13.17 18.26
N SER A 136 -14.61 -11.98 18.26
CA SER A 136 -15.09 -11.36 17.03
C SER A 136 -14.44 -10.01 16.80
N SER A 137 -13.12 -9.97 16.87
CA SER A 137 -12.37 -8.74 16.63
C SER A 137 -12.51 -8.30 15.17
N LEU A 138 -12.59 -9.26 14.27
CA LEU A 138 -12.82 -9.00 12.85
C LEU A 138 -13.86 -9.97 12.29
N ALA A 139 -14.51 -9.55 11.21
CA ALA A 139 -15.46 -10.40 10.50
C ALA A 139 -15.11 -10.37 9.01
N MET A 140 -15.63 -11.35 8.27
CA MET A 140 -15.38 -11.44 6.83
C MET A 140 -15.70 -10.13 6.10
N LEU A 141 -16.75 -9.43 6.51
CA LEU A 141 -17.13 -8.18 5.85
C LEU A 141 -16.08 -7.09 6.04
N ASP A 142 -15.46 -7.04 7.22
CA ASP A 142 -14.34 -6.12 7.46
C ASP A 142 -13.24 -6.33 6.44
N LEU A 143 -12.93 -7.58 6.16
CA LEU A 143 -11.86 -7.94 5.23
C LEU A 143 -12.22 -7.56 3.80
N LEU A 144 -13.46 -7.84 3.41
CA LEU A 144 -13.95 -7.47 2.08
C LEU A 144 -13.98 -5.96 1.89
N HIS A 145 -14.22 -5.22 2.97
CA HIS A 145 -14.24 -3.77 2.87
C HIS A 145 -12.83 -3.22 2.69
N VAL A 146 -11.87 -3.81 3.38
CA VAL A 146 -10.46 -3.44 3.21
C VAL A 146 -10.04 -3.73 1.77
N ALA A 147 -10.46 -4.88 1.26
CA ALA A 147 -10.14 -5.29 -0.11
C ALA A 147 -10.72 -4.30 -1.12
N ARG A 148 -11.97 -3.93 -0.91
CA ARG A 148 -12.63 -2.97 -1.77
C ARG A 148 -11.92 -1.63 -1.75
N ASP A 149 -11.59 -1.16 -0.54
CA ASP A 149 -10.89 0.10 -0.36
C ASP A 149 -9.62 0.18 -1.20
N ILE A 150 -8.79 -0.86 -1.11
CA ILE A 150 -7.51 -0.83 -1.80
C ILE A 150 -7.72 -1.02 -3.31
N ALA A 151 -8.65 -1.88 -3.68
CA ALA A 151 -8.99 -2.05 -5.10
C ALA A 151 -9.46 -0.73 -5.70
N CYS A 152 -10.19 0.06 -4.92
CA CYS A 152 -10.66 1.38 -5.34
CA CYS A 152 -10.67 1.35 -5.37
C CYS A 152 -9.48 2.29 -5.64
N GLY A 153 -8.51 2.28 -4.74
CA GLY A 153 -7.31 3.07 -4.94
C GLY A 153 -6.51 2.58 -6.14
N CYS A 154 -6.43 1.27 -6.31
CA CYS A 154 -5.70 0.70 -7.44
C CYS A 154 -6.37 1.06 -8.75
N GLN A 155 -7.70 1.08 -8.75
CA GLN A 155 -8.45 1.46 -9.95
C GLN A 155 -8.13 2.89 -10.35
N TYR A 156 -8.08 3.77 -9.36
CA TYR A 156 -7.69 5.16 -9.60
C TYR A 156 -6.30 5.26 -10.22
N LEU A 157 -5.34 4.49 -9.70
CA LEU A 157 -4.00 4.48 -10.28
C LEU A 157 -4.02 3.94 -11.71
N GLU A 158 -4.74 2.84 -11.91
CA GLU A 158 -4.88 2.26 -13.25
C GLU A 158 -5.47 3.25 -14.25
N GLU A 159 -6.56 3.91 -13.87
CA GLU A 159 -7.20 4.91 -14.74
C GLU A 159 -6.27 6.06 -15.10
N ASN A 160 -5.33 6.38 -14.22
CA ASN A 160 -4.37 7.44 -14.47
C ASN A 160 -3.02 6.88 -14.90
N HIS A 161 -3.01 5.62 -15.32
CA HIS A 161 -1.86 5.00 -15.96
C HIS A 161 -0.61 5.01 -15.08
N PHE A 162 -0.84 4.88 -13.77
CA PHE A 162 0.22 4.78 -12.78
C PHE A 162 0.37 3.33 -12.34
N ILE A 163 1.56 2.76 -12.52
CA ILE A 163 1.81 1.39 -12.07
C ILE A 163 2.53 1.44 -10.73
N HIS A 164 1.90 0.88 -9.70
CA HIS A 164 2.41 1.01 -8.34
C HIS A 164 3.65 0.15 -8.08
N ARG A 165 3.65 -1.04 -8.65
CA ARG A 165 4.74 -1.98 -8.59
C ARG A 165 5.02 -2.67 -7.27
N ASP A 166 4.30 -2.30 -6.22
CA ASP A 166 4.58 -2.87 -4.90
C ASP A 166 3.31 -2.87 -4.02
N ILE A 167 2.21 -3.31 -4.61
CA ILE A 167 0.97 -3.47 -3.86
C ILE A 167 1.15 -4.65 -2.91
N ALA A 168 1.01 -4.34 -1.62
CA ALA A 168 1.25 -5.31 -0.57
C ALA A 168 0.69 -4.73 0.71
N ALA A 169 0.33 -5.60 1.66
CA ALA A 169 -0.34 -5.17 2.88
C ALA A 169 0.50 -4.19 3.69
N ARG A 170 1.81 -4.41 3.73
CA ARG A 170 2.72 -3.54 4.49
C ARG A 170 2.71 -2.10 3.99
N ASN A 171 2.28 -1.91 2.74
CA ASN A 171 2.28 -0.59 2.12
C ASN A 171 0.92 0.09 2.16
N CYS A 172 -0.02 -0.52 2.88
CA CYS A 172 -1.36 0.02 3.06
C CYS A 172 -1.56 0.39 4.52
N LEU A 173 -2.44 1.37 4.76
CA LEU A 173 -2.71 1.86 6.12
C LEU A 173 -4.20 1.96 6.39
N LEU A 174 -4.56 2.01 7.67
CA LEU A 174 -5.94 2.18 8.10
C LEU A 174 -6.15 3.50 8.87
N THR A 175 -7.27 4.14 8.59
CA THR A 175 -7.59 5.44 9.20
C THR A 175 -7.75 5.33 10.71
N CYS A 176 -8.29 4.21 11.15
CA CYS A 176 -8.60 4.00 12.55
C CYS A 176 -8.78 2.50 12.77
N PRO A 177 -8.56 2.02 13.99
CA PRO A 177 -8.65 0.57 14.23
C PRO A 177 -10.08 0.02 14.22
N GLY A 178 -11.05 0.85 14.57
CA GLY A 178 -12.40 0.39 14.85
C GLY A 178 -13.27 0.28 13.62
N PRO A 179 -14.57 0.01 13.83
CA PRO A 179 -15.50 0.02 12.70
C PRO A 179 -15.55 1.40 12.07
N GLY A 180 -15.68 1.46 10.75
CA GLY A 180 -15.59 2.73 10.04
C GLY A 180 -14.20 2.95 9.47
N ARG A 181 -13.29 2.04 9.76
CA ARG A 181 -11.92 2.15 9.24
C ARG A 181 -11.95 2.18 7.71
N VAL A 182 -11.01 2.92 7.14
CA VAL A 182 -10.83 2.93 5.70
C VAL A 182 -9.38 2.60 5.40
N ALA A 183 -9.17 1.70 4.45
CA ALA A 183 -7.83 1.30 4.06
C ALA A 183 -7.39 2.13 2.87
N LYS A 184 -6.11 2.49 2.86
CA LYS A 184 -5.56 3.35 1.82
C LYS A 184 -4.14 2.93 1.47
N ILE A 185 -3.73 3.20 0.23
CA ILE A 185 -2.36 2.98 -0.20
C ILE A 185 -1.52 4.15 0.30
N GLY A 186 -0.43 3.84 1.00
CA GLY A 186 0.40 4.86 1.63
C GLY A 186 1.81 4.98 1.09
N ASP A 187 2.45 3.83 0.81
CA ASP A 187 3.85 3.82 0.41
C ASP A 187 3.99 3.73 -1.10
N PHE A 188 4.83 4.60 -1.65
CA PHE A 188 5.06 4.66 -3.10
C PHE A 188 6.55 4.64 -3.42
N GLY A 189 7.31 3.97 -2.56
CA GLY A 189 8.77 3.93 -2.66
C GLY A 189 9.27 3.19 -3.88
N MET A 190 8.65 2.07 -4.21
CA MET A 190 9.07 1.29 -5.37
C MET A 190 8.86 2.10 -6.64
N ALA A 191 7.70 2.71 -6.78
CA ALA A 191 7.39 3.51 -7.96
C ALA A 191 8.33 4.71 -8.02
N ARG A 192 8.61 5.26 -6.85
CA ARG A 192 9.58 6.35 -6.72
C ARG A 192 10.94 5.92 -7.24
N ASP A 193 11.44 4.79 -6.73
CA ASP A 193 12.74 4.27 -7.14
C ASP A 193 12.79 4.04 -8.64
N ILE A 194 11.70 3.53 -9.18
CA ILE A 194 11.58 3.29 -10.62
C ILE A 194 11.61 4.60 -11.38
N TYR A 195 10.81 5.58 -10.93
CA TYR A 195 10.74 6.86 -11.61
C TYR A 195 12.10 7.56 -11.62
N ARG A 196 12.97 7.19 -10.67
CA ARG A 196 14.30 7.79 -10.57
C ARG A 196 15.43 6.88 -11.05
N ALA A 197 15.11 5.69 -11.54
CA ALA A 197 16.14 4.76 -11.97
C ALA A 197 16.58 5.06 -13.41
N GLY A 203 19.19 -0.25 -3.28
CA GLY A 203 18.37 -1.17 -4.04
C GLY A 203 19.17 -2.39 -4.49
N GLY A 204 18.50 -3.53 -4.57
CA GLY A 204 19.14 -4.75 -5.02
C GLY A 204 18.21 -5.94 -5.10
N CYS A 205 18.71 -7.04 -5.63
CA CYS A 205 17.93 -8.27 -5.81
C CYS A 205 17.27 -8.87 -4.57
N ALA A 206 17.96 -8.81 -3.42
CA ALA A 206 17.41 -9.39 -2.20
C ALA A 206 16.32 -8.54 -1.53
N MET A 207 16.09 -7.33 -2.06
CA MET A 207 15.09 -6.44 -1.47
C MET A 207 13.82 -6.34 -2.32
N LEU A 208 13.83 -6.96 -3.49
CA LEU A 208 12.66 -6.96 -4.37
C LEU A 208 11.48 -7.69 -3.74
N PRO A 209 10.25 -7.21 -4.00
CA PRO A 209 9.06 -7.90 -3.46
C PRO A 209 8.69 -9.11 -4.30
N VAL A 210 9.63 -10.05 -4.41
CA VAL A 210 9.51 -11.27 -5.21
C VAL A 210 8.15 -11.96 -5.05
N LYS A 211 7.71 -12.10 -3.81
CA LYS A 211 6.50 -12.86 -3.54
C LYS A 211 5.22 -12.14 -4.00
N TRP A 212 5.35 -10.91 -4.48
CA TRP A 212 4.20 -10.15 -4.97
C TRP A 212 4.26 -9.92 -6.47
N MET A 213 5.29 -10.48 -7.13
CA MET A 213 5.53 -10.18 -8.54
C MET A 213 5.10 -11.32 -9.48
N PRO A 214 4.49 -10.96 -10.62
CA PRO A 214 4.07 -11.95 -11.61
C PRO A 214 5.26 -12.51 -12.39
N PRO A 215 5.05 -13.60 -13.12
CA PRO A 215 6.09 -14.22 -13.97
C PRO A 215 6.83 -13.27 -14.91
N GLU A 216 6.11 -12.47 -15.70
CA GLU A 216 6.75 -11.67 -16.73
C GLU A 216 7.57 -10.53 -16.11
N ALA A 217 7.33 -10.25 -14.83
CA ALA A 217 8.18 -9.31 -14.10
C ALA A 217 9.61 -9.85 -14.02
N PHE A 218 9.75 -11.14 -13.75
CA PHE A 218 11.08 -11.77 -13.73
C PHE A 218 11.61 -12.00 -15.15
N MET A 219 10.92 -12.85 -15.91
CA MET A 219 11.32 -13.24 -17.26
C MET A 219 11.74 -12.06 -18.13
N GLU A 220 10.88 -11.06 -18.28
CA GLU A 220 11.12 -9.97 -19.21
C GLU A 220 11.22 -8.58 -18.57
N GLY A 221 10.83 -8.44 -17.31
CA GLY A 221 10.88 -7.14 -16.66
C GLY A 221 9.87 -6.18 -17.28
N ILE A 222 8.79 -6.73 -17.80
CA ILE A 222 7.70 -5.94 -18.36
C ILE A 222 6.68 -5.64 -17.29
N PHE A 223 6.40 -4.35 -17.09
CA PHE A 223 5.44 -3.90 -16.09
C PHE A 223 4.26 -3.19 -16.76
N THR A 224 3.06 -3.53 -16.31
CA THR A 224 1.81 -2.96 -16.81
C THR A 224 0.89 -2.89 -15.61
N SER A 225 -0.34 -2.42 -15.80
CA SER A 225 -1.29 -2.45 -14.69
C SER A 225 -1.68 -3.88 -14.35
N LYS A 226 -1.47 -4.82 -15.27
CA LYS A 226 -1.79 -6.20 -14.98
C LYS A 226 -0.79 -6.81 -14.03
N THR A 227 0.36 -6.16 -13.85
CA THR A 227 1.32 -6.61 -12.85
C THR A 227 0.83 -6.16 -11.46
N ASP A 228 0.15 -5.01 -11.37
CA ASP A 228 -0.50 -4.62 -10.10
C ASP A 228 -1.66 -5.57 -9.78
N THR A 229 -2.35 -6.04 -10.81
CA THR A 229 -3.45 -6.99 -10.60
C THR A 229 -2.92 -8.23 -9.91
N TRP A 230 -1.79 -8.74 -10.38
CA TRP A 230 -1.16 -9.90 -9.78
C TRP A 230 -0.86 -9.61 -8.30
N SER A 231 -0.19 -8.50 -8.06
CA SER A 231 0.16 -8.12 -6.69
C SER A 231 -1.09 -8.02 -5.83
N PHE A 232 -2.15 -7.46 -6.38
CA PHE A 232 -3.39 -7.34 -5.61
C PHE A 232 -3.96 -8.69 -5.19
N GLY A 233 -3.83 -9.68 -6.07
CA GLY A 233 -4.19 -11.04 -5.73
C GLY A 233 -3.45 -11.53 -4.51
N VAL A 234 -2.16 -11.22 -4.44
CA VAL A 234 -1.35 -11.62 -3.28
C VAL A 234 -1.80 -10.85 -2.05
N LEU A 235 -2.07 -9.56 -2.22
CA LEU A 235 -2.62 -8.76 -1.11
C LEU A 235 -3.92 -9.36 -0.58
N LEU A 236 -4.78 -9.84 -1.47
CA LEU A 236 -6.01 -10.50 -1.04
C LEU A 236 -5.69 -11.70 -0.16
N TRP A 237 -4.71 -12.49 -0.55
CA TRP A 237 -4.29 -13.62 0.26
C TRP A 237 -3.78 -13.14 1.63
N GLU A 238 -3.01 -12.06 1.65
CA GLU A 238 -2.56 -11.48 2.91
C GLU A 238 -3.73 -11.09 3.79
N ILE A 239 -4.72 -10.44 3.19
CA ILE A 239 -5.89 -9.98 3.93
C ILE A 239 -6.65 -11.17 4.54
N PHE A 240 -6.98 -12.15 3.70
CA PHE A 240 -7.88 -13.20 4.15
C PHE A 240 -7.17 -14.29 4.94
N SER A 241 -5.84 -14.27 4.94
CA SER A 241 -5.05 -15.09 5.85
C SER A 241 -4.81 -14.39 7.19
N LEU A 242 -5.32 -13.16 7.32
CA LEU A 242 -5.14 -12.32 8.50
C LEU A 242 -3.67 -12.00 8.79
N GLY A 243 -2.93 -11.67 7.74
CA GLY A 243 -1.63 -11.05 7.90
C GLY A 243 -0.45 -11.99 7.85
N TYR A 244 -0.64 -13.16 7.25
CA TYR A 244 0.46 -14.10 7.01
C TYR A 244 1.38 -13.65 5.91
N MET A 245 2.63 -14.09 5.97
CA MET A 245 3.56 -13.96 4.85
C MET A 245 3.10 -14.85 3.70
N PRO A 246 3.00 -14.29 2.48
CA PRO A 246 2.71 -15.11 1.30
C PRO A 246 3.70 -16.27 1.12
N TYR A 247 3.23 -17.38 0.55
CA TYR A 247 4.04 -18.58 0.34
C TYR A 247 4.86 -18.90 1.58
N PRO A 248 4.18 -19.16 2.70
CA PRO A 248 4.92 -19.45 3.94
C PRO A 248 5.82 -20.66 3.76
N SER A 249 7.04 -20.55 4.27
CA SER A 249 8.04 -21.63 4.23
C SER A 249 8.71 -21.79 2.86
N LYS A 250 8.37 -20.91 1.90
CA LYS A 250 9.18 -20.81 0.67
C LYS A 250 10.02 -19.54 0.68
N SER A 251 11.26 -19.69 0.22
CA SER A 251 12.15 -18.57 -0.01
C SER A 251 11.75 -17.82 -1.28
N ASN A 252 12.33 -16.64 -1.49
CA ASN A 252 12.10 -15.89 -2.72
C ASN A 252 12.38 -16.70 -4.00
N GLN A 253 13.53 -17.33 -4.09
CA GLN A 253 13.87 -18.07 -5.33
C GLN A 253 12.97 -19.30 -5.49
N GLU A 254 12.57 -19.91 -4.39
CA GLU A 254 11.64 -21.04 -4.46
C GLU A 254 10.29 -20.58 -4.98
N VAL A 255 9.88 -19.37 -4.60
CA VAL A 255 8.60 -18.85 -5.05
C VAL A 255 8.69 -18.53 -6.54
N LEU A 256 9.80 -17.92 -6.94
CA LEU A 256 10.02 -17.55 -8.33
C LEU A 256 9.89 -18.78 -9.23
N GLU A 257 10.47 -19.89 -8.78
CA GLU A 257 10.45 -21.13 -9.55
C GLU A 257 9.09 -21.80 -9.50
N PHE A 258 8.47 -21.76 -8.32
CA PHE A 258 7.11 -22.24 -8.11
C PHE A 258 6.11 -21.53 -9.03
N VAL A 259 6.03 -20.20 -8.95
CA VAL A 259 5.01 -19.47 -9.70
C VAL A 259 5.26 -19.52 -11.22
N THR A 260 6.52 -19.51 -11.63
CA THR A 260 6.83 -19.63 -13.05
C THR A 260 6.30 -20.96 -13.60
N SER A 261 6.47 -22.03 -12.81
CA SER A 261 6.03 -23.36 -13.20
CA SER A 261 6.04 -23.35 -13.26
C SER A 261 4.53 -23.56 -13.08
N GLY A 262 3.82 -22.53 -12.63
CA GLY A 262 2.38 -22.60 -12.50
C GLY A 262 1.84 -22.80 -11.09
N GLY A 263 2.73 -22.91 -10.11
CA GLY A 263 2.32 -23.06 -8.73
C GLY A 263 1.58 -21.83 -8.23
N ARG A 264 0.57 -22.04 -7.40
CA ARG A 264 -0.19 -20.95 -6.78
C ARG A 264 -0.46 -21.29 -5.33
N MET A 265 -0.66 -20.26 -4.50
CA MET A 265 -0.95 -20.50 -3.10
C MET A 265 -2.29 -21.19 -2.93
N ASP A 266 -2.40 -21.95 -1.84
CA ASP A 266 -3.66 -22.54 -1.44
C ASP A 266 -4.55 -21.46 -0.82
N PRO A 267 -5.86 -21.74 -0.71
CA PRO A 267 -6.68 -20.71 -0.08
C PRO A 267 -6.28 -20.49 1.37
N PRO A 268 -6.37 -19.25 1.87
CA PRO A 268 -6.18 -19.04 3.31
C PRO A 268 -7.20 -19.85 4.09
N LYS A 269 -6.91 -20.11 5.36
CA LYS A 269 -7.83 -20.87 6.21
C LYS A 269 -9.21 -20.24 6.20
N ASN A 270 -10.23 -21.08 5.96
CA ASN A 270 -11.64 -20.66 5.97
C ASN A 270 -12.03 -19.69 4.86
N CYS A 271 -11.14 -19.46 3.90
CA CYS A 271 -11.44 -18.50 2.83
C CYS A 271 -12.60 -18.99 1.98
N PRO A 272 -13.66 -18.15 1.83
CA PRO A 272 -14.74 -18.57 0.94
C PRO A 272 -14.27 -18.75 -0.51
N GLY A 273 -14.82 -19.75 -1.17
CA GLY A 273 -14.48 -20.04 -2.55
C GLY A 273 -14.56 -18.85 -3.49
N PRO A 274 -15.64 -18.07 -3.39
CA PRO A 274 -15.75 -16.91 -4.28
C PRO A 274 -14.62 -15.89 -4.11
N VAL A 275 -14.07 -15.77 -2.90
CA VAL A 275 -12.95 -14.86 -2.67
C VAL A 275 -11.65 -15.45 -3.22
N TYR A 276 -11.42 -16.73 -2.96
CA TYR A 276 -10.23 -17.40 -3.48
C TYR A 276 -10.20 -17.36 -5.00
N ARG A 277 -11.37 -17.41 -5.63
CA ARG A 277 -11.42 -17.38 -7.09
C ARG A 277 -11.02 -16.01 -7.65
N ILE A 278 -11.23 -14.94 -6.89
CA ILE A 278 -10.67 -13.65 -7.28
C ILE A 278 -9.14 -13.72 -7.28
N MET A 279 -8.57 -14.34 -6.25
CA MET A 279 -7.11 -14.49 -6.18
C MET A 279 -6.56 -15.24 -7.40
N THR A 280 -7.19 -16.34 -7.75
CA THR A 280 -6.65 -17.19 -8.81
C THR A 280 -6.81 -16.51 -10.16
N GLN A 281 -7.84 -15.67 -10.30
CA GLN A 281 -8.01 -14.89 -11.53
C GLN A 281 -6.93 -13.80 -11.62
N CYS A 282 -6.62 -13.18 -10.49
CA CYS A 282 -5.53 -12.20 -10.43
C CYS A 282 -4.18 -12.85 -10.79
N TRP A 283 -4.06 -14.15 -10.52
CA TRP A 283 -2.80 -14.86 -10.74
C TRP A 283 -2.74 -15.64 -12.05
N GLN A 284 -3.57 -15.29 -13.03
CA GLN A 284 -3.48 -15.93 -14.33
C GLN A 284 -2.10 -15.68 -14.94
N HIS A 285 -1.48 -16.73 -15.48
CA HIS A 285 -0.12 -16.60 -16.01
C HIS A 285 -0.03 -15.54 -17.09
N GLN A 286 -1.02 -15.56 -17.98
CA GLN A 286 -1.07 -14.60 -19.07
C GLN A 286 -1.70 -13.30 -18.58
N PRO A 287 -0.95 -12.17 -18.66
CA PRO A 287 -1.47 -10.87 -18.21
C PRO A 287 -2.86 -10.52 -18.77
N GLU A 288 -3.12 -10.90 -20.02
CA GLU A 288 -4.37 -10.53 -20.66
C GLU A 288 -5.55 -11.29 -20.08
N ASP A 289 -5.26 -12.39 -19.39
CA ASP A 289 -6.31 -13.19 -18.76
C ASP A 289 -6.62 -12.70 -17.34
N ARG A 290 -5.85 -11.75 -16.83
CA ARG A 290 -6.12 -11.20 -15.50
C ARG A 290 -7.13 -10.06 -15.60
N PRO A 291 -8.00 -9.92 -14.58
CA PRO A 291 -8.96 -8.83 -14.56
C PRO A 291 -8.30 -7.45 -14.35
N ASN A 292 -8.88 -6.41 -14.94
CA ASN A 292 -8.53 -5.05 -14.56
C ASN A 292 -9.21 -4.76 -13.22
N PHE A 293 -8.98 -3.59 -12.65
CA PHE A 293 -9.47 -3.34 -11.31
C PHE A 293 -10.96 -3.00 -11.26
N ALA A 294 -11.55 -2.63 -12.39
CA ALA A 294 -13.00 -2.46 -12.43
C ALA A 294 -13.69 -3.81 -12.24
N ILE A 295 -13.19 -4.82 -12.94
CA ILE A 295 -13.69 -6.19 -12.77
C ILE A 295 -13.41 -6.73 -11.38
N ILE A 296 -12.21 -6.47 -10.85
CA ILE A 296 -11.89 -6.91 -9.50
C ILE A 296 -12.91 -6.30 -8.52
N LEU A 297 -13.20 -5.02 -8.67
CA LEU A 297 -14.17 -4.35 -7.80
C LEU A 297 -15.55 -4.97 -7.89
N GLU A 298 -15.99 -5.30 -9.11
CA GLU A 298 -17.27 -5.97 -9.32
C GLU A 298 -17.35 -7.27 -8.54
N ARG A 299 -16.29 -8.06 -8.62
CA ARG A 299 -16.29 -9.37 -8.01
C ARG A 299 -16.17 -9.26 -6.49
N ILE A 300 -15.47 -8.25 -5.99
CA ILE A 300 -15.43 -8.01 -4.54
C ILE A 300 -16.82 -7.65 -4.04
N GLU A 301 -17.50 -6.79 -4.79
CA GLU A 301 -18.84 -6.36 -4.41
C GLU A 301 -19.76 -7.56 -4.34
N TYR A 302 -19.71 -8.39 -5.38
CA TYR A 302 -20.51 -9.61 -5.44
C TYR A 302 -20.32 -10.50 -4.21
N CYS A 303 -19.07 -10.69 -3.80
CA CYS A 303 -18.76 -11.43 -2.58
C CYS A 303 -19.38 -10.75 -1.37
N THR A 304 -19.35 -9.43 -1.36
CA THR A 304 -19.89 -8.66 -0.25
C THR A 304 -21.41 -8.83 -0.17
N GLN A 305 -22.06 -9.07 -1.27
CA GLN A 305 -23.48 -9.27 -1.29
C GLN A 305 -23.92 -10.67 -0.95
N ASP A 306 -22.99 -11.58 -0.94
CA ASP A 306 -23.33 -13.00 -0.78
C ASP A 306 -23.35 -13.37 0.70
N PRO A 307 -24.55 -13.66 1.25
CA PRO A 307 -24.59 -13.93 2.70
C PRO A 307 -23.71 -15.11 3.13
N ASP A 308 -23.60 -16.13 2.30
CA ASP A 308 -22.80 -17.30 2.65
C ASP A 308 -21.32 -16.94 2.73
N VAL A 309 -20.90 -15.95 1.94
CA VAL A 309 -19.54 -15.45 2.03
C VAL A 309 -19.37 -14.71 3.35
N ILE A 310 -20.17 -13.67 3.58
CA ILE A 310 -19.93 -12.78 4.70
C ILE A 310 -20.32 -13.40 6.06
N ASN A 311 -21.06 -14.50 6.05
CA ASN A 311 -21.40 -15.20 7.29
C ASN A 311 -20.44 -16.35 7.62
N THR A 312 -19.38 -16.49 6.81
CA THR A 312 -18.30 -17.43 7.12
C THR A 312 -17.49 -16.90 8.30
N ALA A 313 -17.27 -17.74 9.31
CA ALA A 313 -16.50 -17.34 10.49
C ALA A 313 -15.01 -17.39 10.20
N LEU A 314 -14.29 -16.38 10.66
CA LEU A 314 -12.84 -16.40 10.57
C LEU A 314 -12.28 -17.37 11.60
N PRO A 315 -11.11 -17.94 11.32
CA PRO A 315 -10.47 -18.87 12.27
C PRO A 315 -10.01 -18.17 13.54
N ILE A 316 -9.98 -18.88 14.66
CA ILE A 316 -9.56 -18.32 15.93
C ILE A 316 -8.06 -18.49 16.18
N GLU A 317 -7.38 -17.52 16.72
CA GLU A 317 -5.97 -17.76 16.92
C GLU A 317 -5.77 -18.04 18.38
C10 45Q B . 0.69 6.63 9.84
C14 45Q B . 1.41 5.08 11.65
C15 45Q B . 0.92 4.35 12.86
C17 45Q B . -0.32 4.75 13.57
N01 45Q B . 4.11 7.70 2.81
C02 45Q B . 2.06 7.53 4.15
C03 45Q B . 3.53 7.62 4.04
C04 45Q B . 4.33 7.59 5.30
C05 45Q B . 3.66 7.48 6.61
C06 45Q B . 2.20 7.42 6.69
C07 45Q B . 1.42 7.43 5.47
C08 45Q B . 1.41 7.29 7.94
C09 45Q B . 1.66 6.45 8.94
N11 45Q B . -0.17 7.49 9.35
N12 45Q B . 0.28 7.89 8.20
N13 45Q B . 0.48 5.93 11.03
O16 45Q B . 2.48 4.92 11.25
C18 45Q B . -0.80 3.99 14.74
C19 45Q B . -0.06 2.80 15.20
C20 45Q B . 1.18 2.39 14.52
C21 45Q B . 1.66 3.15 13.33
C22 45Q B . -0.56 2.09 16.41
N23 45Q B . -1.38 1.10 16.34
C24 45Q B . -1.68 0.59 17.60
C25 45Q B . -2.65 -0.59 17.59
N26 45Q B . -3.01 -0.95 16.32
C27 45Q B . -3.32 0.03 15.41
C28 45Q B . -2.41 1.24 15.49
C29 45Q B . -3.83 -1.95 16.25
C30 45Q B . 5.80 7.69 5.27
#